data_4ECD
#
_entry.id   4ECD
#
_cell.length_a   123.944
_cell.length_b   123.944
_cell.length_c   97.884
_cell.angle_alpha   90.00
_cell.angle_beta   90.00
_cell.angle_gamma   90.00
#
_symmetry.space_group_name_H-M   'P 42 21 2'
#
loop_
_entity.id
_entity.type
_entity.pdbx_description
1 polymer 'Chorismate synthase'
2 non-polymer 'CHLORIDE ION'
3 water water
#
_entity_poly.entity_id   1
_entity_poly.type   'polypeptide(L)'
_entity_poly.pdbx_seq_one_letter_code
;SNAMLRWQTAGESHGEALVAMIEGLPAGVRISTDDIVSALARRRLGYGRGARMKFEQDKVRLLTGVRHGLTLGSPVAIEI
ANTEWPKWTEVMSADALDHDLPREGRNAPLSRPRPGHADLTGMRKYGFDDARPVLERSSARETASRVALGEVAKQFLDQA
FGIRTVAHVVALGGVQTNPDLPLPTPDDLEALDASPVRTLDKEAEVRIIERINEAKKAADTLGGVIEVLAYGVPAGIGTY
VESDRRLDAALASAIMGIQAFKGVEIGDGFLAASRPGSQAHDEIVVNADGRIDRLSNRAGGIEGGMSNGQVIRVRGAMKP
IPSIPKALRTVDVLTGESAQAINQRSDSTAVPAASVVAEAMVRLTLAKYALDKFGGDSVAETRRNLESYLASWPEHMR
;
_entity_poly.pdbx_strand_id   A,B
#
# COMPACT_ATOMS: atom_id res chain seq x y z
N ALA A 3 12.27 6.47 19.61
CA ALA A 3 11.89 7.29 18.44
C ALA A 3 11.94 6.44 17.13
N MET A 4 10.84 6.42 16.36
CA MET A 4 10.76 5.72 15.07
CA MET A 4 10.84 5.66 15.11
C MET A 4 11.58 6.50 14.08
N LEU A 5 12.14 5.85 13.08
CA LEU A 5 12.84 6.53 12.05
C LEU A 5 11.74 7.35 11.38
N ARG A 6 11.99 8.63 11.17
CA ARG A 6 10.98 9.55 10.68
C ARG A 6 11.66 10.59 9.81
N TRP A 7 10.99 10.97 8.73
CA TRP A 7 11.57 11.87 7.80
C TRP A 7 10.58 12.82 7.24
N GLN A 8 11.10 13.93 6.73
CA GLN A 8 10.31 14.96 6.09
C GLN A 8 11.09 15.69 5.04
N THR A 9 10.39 16.08 3.97
CA THR A 9 10.98 16.85 2.90
C THR A 9 10.27 18.17 2.71
N ALA A 10 10.97 19.08 2.08
CA ALA A 10 10.48 20.43 1.86
C ALA A 10 11.22 21.09 0.72
N GLY A 11 10.57 22.06 0.11
CA GLY A 11 11.22 22.77 -0.97
C GLY A 11 10.31 22.95 -2.16
N GLU A 12 10.44 24.08 -2.81
CA GLU A 12 9.68 24.35 -3.98
C GLU A 12 10.55 24.19 -5.21
N SER A 13 9.92 23.72 -6.29
CA SER A 13 10.62 23.47 -7.55
C SER A 13 11.32 24.72 -8.14
N HIS A 14 11.16 25.90 -7.56
CA HIS A 14 11.98 27.01 -8.01
C HIS A 14 12.17 28.03 -6.91
N GLY A 15 12.61 27.52 -5.76
CA GLY A 15 12.98 28.35 -4.60
C GLY A 15 14.49 28.16 -4.50
N GLU A 16 15.14 28.75 -3.53
CA GLU A 16 16.61 28.58 -3.43
C GLU A 16 17.09 27.14 -3.12
N ALA A 17 16.43 26.46 -2.16
CA ALA A 17 16.87 25.11 -1.80
C ALA A 17 15.76 24.09 -1.50
N LEU A 18 16.11 22.81 -1.55
CA LEU A 18 15.25 21.73 -1.16
C LEU A 18 15.87 21.29 0.14
N VAL A 19 15.08 20.79 1.07
CA VAL A 19 15.56 20.36 2.37
C VAL A 19 14.95 19.03 2.75
N ALA A 20 15.77 18.16 3.30
CA ALA A 20 15.29 16.85 3.72
C ALA A 20 15.81 16.64 5.13
N MET A 21 15.00 16.01 5.98
CA MET A 21 15.39 15.82 7.38
C MET A 21 14.94 14.44 7.83
N ILE A 22 15.80 13.75 8.60
CA ILE A 22 15.51 12.43 9.06
C ILE A 22 15.94 12.31 10.53
N GLU A 23 15.05 11.75 11.36
CA GLU A 23 15.29 11.62 12.79
C GLU A 23 15.28 10.19 13.18
N GLY A 24 16.03 9.84 14.22
CA GLY A 24 15.96 8.46 14.77
C GLY A 24 17.09 7.56 14.33
N LEU A 25 17.98 8.08 13.50
CA LEU A 25 19.05 7.28 12.95
C LEU A 25 20.09 7.15 14.08
N PRO A 26 20.72 6.00 14.22
CA PRO A 26 21.71 5.82 15.25
C PRO A 26 23.01 6.55 14.99
N ALA A 27 23.76 6.83 16.05
CA ALA A 27 25.06 7.41 15.87
C ALA A 27 25.92 6.44 15.06
N GLY A 28 26.90 6.97 14.34
CA GLY A 28 27.87 6.15 13.63
C GLY A 28 27.60 5.72 12.21
N VAL A 29 26.62 6.31 11.51
CA VAL A 29 26.46 5.94 10.11
C VAL A 29 27.49 6.75 9.33
N ARG A 30 28.15 6.13 8.40
CA ARG A 30 29.20 6.78 7.63
C ARG A 30 28.53 7.39 6.42
N ILE A 31 28.50 8.73 6.34
CA ILE A 31 27.74 9.42 5.27
C ILE A 31 28.44 10.73 4.90
N SER A 32 28.43 11.06 3.63
CA SER A 32 29.11 12.25 3.15
C SER A 32 28.27 12.90 2.08
N THR A 33 28.48 14.19 1.87
CA THR A 33 27.76 14.94 0.84
C THR A 33 28.01 14.28 -0.53
N ASP A 34 29.22 13.74 -0.65
CA ASP A 34 29.61 13.10 -1.85
C ASP A 34 28.68 11.93 -2.16
N ASP A 35 28.48 11.07 -1.16
CA ASP A 35 27.53 9.94 -1.33
C ASP A 35 26.19 10.41 -1.96
N ILE A 36 25.71 11.55 -1.45
CA ILE A 36 24.42 12.10 -1.83
C ILE A 36 24.43 12.72 -3.22
N VAL A 37 25.45 13.49 -3.55
CA VAL A 37 25.57 14.05 -4.87
C VAL A 37 25.47 12.92 -5.91
N SER A 38 26.07 11.81 -5.54
CA SER A 38 26.13 10.68 -6.41
C SER A 38 24.78 10.07 -6.59
N ALA A 39 24.10 9.77 -5.48
CA ALA A 39 22.76 9.18 -5.57
C ALA A 39 21.83 10.16 -6.27
N LEU A 40 22.02 11.46 -6.06
CA LEU A 40 21.18 12.39 -6.78
C LEU A 40 21.44 12.31 -8.32
N ALA A 41 22.68 12.13 -8.76
CA ALA A 41 22.97 12.04 -10.22
C ALA A 41 22.15 10.97 -10.93
N ARG A 42 22.04 9.81 -10.30
CA ARG A 42 21.31 8.68 -10.81
C ARG A 42 19.81 8.93 -11.11
N ARG A 43 19.19 9.90 -10.43
CA ARG A 43 17.75 10.11 -10.62
C ARG A 43 17.45 10.74 -11.97
N ARG A 44 18.50 11.26 -12.61
CA ARG A 44 18.38 11.86 -13.94
C ARG A 44 18.52 10.88 -15.11
N LEU A 45 19.21 9.75 -14.91
CA LEU A 45 19.34 8.75 -15.98
C LEU A 45 17.98 8.38 -16.60
N GLY A 46 17.99 8.10 -17.90
CA GLY A 46 16.77 7.72 -18.63
C GLY A 46 16.86 7.96 -20.14
N TYR A 47 16.39 7.00 -20.96
CA TYR A 47 16.43 7.17 -22.42
C TYR A 47 15.61 8.36 -22.93
N GLY A 48 16.28 9.21 -23.71
CA GLY A 48 15.67 10.38 -24.34
C GLY A 48 15.88 10.38 -25.85
N ARG A 49 15.08 11.21 -26.53
CA ARG A 49 15.10 11.35 -27.99
C ARG A 49 15.29 12.80 -28.50
N GLY A 50 15.24 13.80 -27.60
CA GLY A 50 15.40 15.21 -28.00
C GLY A 50 16.70 15.87 -27.51
N GLN A 57 24.75 21.09 -12.03
CA GLN A 57 25.06 19.99 -11.11
C GLN A 57 24.54 20.19 -9.67
N ASP A 58 24.41 19.09 -8.93
CA ASP A 58 23.89 19.11 -7.55
C ASP A 58 24.93 19.44 -6.47
N LYS A 59 24.51 20.36 -5.59
CA LYS A 59 25.31 20.84 -4.45
C LYS A 59 24.59 20.44 -3.17
N VAL A 60 25.33 19.76 -2.29
CA VAL A 60 24.73 19.24 -1.09
C VAL A 60 25.47 19.64 0.18
N ARG A 61 24.71 20.09 1.17
CA ARG A 61 25.21 20.40 2.49
C ARG A 61 24.57 19.50 3.58
N LEU A 62 25.40 19.02 4.53
CA LEU A 62 24.87 18.26 5.64
C LEU A 62 24.75 19.23 6.82
N LEU A 63 23.66 19.99 6.85
CA LEU A 63 23.50 21.04 7.85
C LEU A 63 23.57 20.60 9.33
N THR A 64 23.00 19.45 9.64
CA THR A 64 23.05 19.00 11.01
C THR A 64 23.19 17.52 11.11
N GLY A 65 23.57 17.07 12.29
CA GLY A 65 23.53 15.66 12.64
C GLY A 65 24.66 14.80 12.22
N VAL A 66 25.68 15.42 11.65
CA VAL A 66 26.84 14.70 11.18
C VAL A 66 28.10 15.46 11.57
N ARG A 67 29.05 14.71 12.14
CA ARG A 67 30.33 15.26 12.54
C ARG A 67 31.44 14.22 12.26
N HIS A 68 32.51 14.70 11.60
CA HIS A 68 33.67 13.90 11.23
C HIS A 68 33.25 12.71 10.46
N GLY A 69 32.37 12.99 9.49
CA GLY A 69 31.85 11.99 8.56
C GLY A 69 30.88 10.96 9.09
N LEU A 70 30.49 11.08 10.34
CA LEU A 70 29.60 10.11 11.00
C LEU A 70 28.35 10.77 11.62
N THR A 71 27.21 10.05 11.61
CA THR A 71 26.00 10.55 12.22
C THR A 71 26.22 10.58 13.69
N LEU A 72 25.50 11.51 14.33
CA LEU A 72 25.58 11.75 15.78
C LEU A 72 24.47 11.15 16.61
N GLY A 73 23.37 10.77 15.98
CA GLY A 73 22.22 10.23 16.70
C GLY A 73 21.10 11.26 16.74
N SER A 74 21.43 12.50 16.40
CA SER A 74 20.49 13.63 16.40
C SER A 74 19.86 13.81 14.98
N PRO A 75 18.92 14.71 14.83
CA PRO A 75 18.33 14.78 13.46
C PRO A 75 19.30 15.28 12.40
N VAL A 76 19.24 14.66 11.21
CA VAL A 76 20.12 14.99 10.11
C VAL A 76 19.35 15.77 9.12
N ALA A 77 19.86 16.98 8.81
CA ALA A 77 19.23 17.90 7.87
C ALA A 77 20.16 18.10 6.69
N ILE A 78 19.56 17.98 5.51
CA ILE A 78 20.26 18.03 4.24
C ILE A 78 19.72 19.16 3.36
N GLU A 79 20.62 19.99 2.86
CA GLU A 79 20.26 21.08 1.95
C GLU A 79 20.77 20.69 0.59
N ILE A 80 19.85 20.65 -0.38
CA ILE A 80 20.16 20.28 -1.75
C ILE A 80 19.91 21.53 -2.55
N ALA A 81 20.95 22.03 -3.24
CA ALA A 81 20.86 23.31 -3.98
C ALA A 81 19.88 23.30 -5.12
N ASN A 82 19.56 24.50 -5.59
CA ASN A 82 18.62 24.65 -6.69
C ASN A 82 18.82 26.02 -7.33
N ARG A 141 7.02 19.16 -9.06
CA ARG A 141 7.32 18.09 -8.12
C ARG A 141 8.78 17.76 -8.22
N GLU A 142 9.43 17.41 -7.12
CA GLU A 142 10.86 17.07 -7.12
CA GLU A 142 10.83 17.01 -7.25
C GLU A 142 11.04 15.73 -6.41
N THR A 143 12.02 14.96 -6.82
CA THR A 143 12.31 13.69 -6.22
C THR A 143 13.69 13.71 -5.55
N ALA A 144 14.40 14.86 -5.62
CA ALA A 144 15.73 14.93 -5.07
C ALA A 144 15.78 14.69 -3.56
N SER A 145 14.91 15.33 -2.80
CA SER A 145 14.99 15.19 -1.36
C SER A 145 14.71 13.74 -0.92
N ARG A 146 13.87 13.03 -1.64
CA ARG A 146 13.64 11.63 -1.31
C ARG A 146 14.83 10.73 -1.70
N VAL A 147 15.44 11.00 -2.85
CA VAL A 147 16.58 10.24 -3.28
C VAL A 147 17.73 10.48 -2.31
N ALA A 148 17.87 11.72 -1.85
CA ALA A 148 18.93 12.06 -0.88
C ALA A 148 18.71 11.25 0.39
N LEU A 149 17.47 11.31 0.88
CA LEU A 149 17.08 10.55 2.04
C LEU A 149 17.37 9.04 1.89
N GLY A 150 17.14 8.50 0.72
CA GLY A 150 17.35 7.06 0.47
C GLY A 150 18.81 6.71 0.48
N GLU A 151 19.66 7.67 0.06
CA GLU A 151 21.11 7.46 0.13
C GLU A 151 21.50 7.31 1.61
N VAL A 152 21.00 8.17 2.49
CA VAL A 152 21.30 8.01 3.92
C VAL A 152 20.80 6.65 4.43
N ALA A 153 19.58 6.26 4.04
CA ALA A 153 19.02 4.95 4.44
C ALA A 153 19.87 3.79 3.87
N LYS A 154 20.33 3.95 2.66
CA LYS A 154 21.20 2.98 2.05
C LYS A 154 22.45 2.69 2.90
N GLN A 155 23.11 3.76 3.31
CA GLN A 155 24.32 3.65 4.10
C GLN A 155 24.03 3.06 5.46
N PHE A 156 22.89 3.41 6.03
CA PHE A 156 22.53 2.81 7.29
C PHE A 156 22.26 1.28 7.15
N LEU A 157 21.44 0.90 6.16
CA LEU A 157 21.09 -0.48 5.96
C LEU A 157 22.30 -1.39 5.76
N ASP A 158 23.21 -0.93 4.90
CA ASP A 158 24.36 -1.71 4.55
C ASP A 158 25.34 -1.86 5.74
N GLN A 159 25.63 -0.75 6.41
CA GLN A 159 26.55 -0.75 7.54
C GLN A 159 26.01 -1.45 8.82
N ALA A 160 24.73 -1.30 9.10
CA ALA A 160 24.18 -1.91 10.31
C ALA A 160 23.70 -3.32 10.06
N PHE A 161 23.18 -3.60 8.86
CA PHE A 161 22.58 -4.92 8.58
C PHE A 161 23.10 -5.64 7.38
N GLY A 162 23.93 -5.02 6.57
CA GLY A 162 24.38 -5.66 5.34
C GLY A 162 23.21 -5.84 4.37
N ILE A 163 22.22 -4.92 4.44
CA ILE A 163 21.08 -4.94 3.55
C ILE A 163 21.38 -4.01 2.39
N ARG A 164 21.16 -4.49 1.18
CA ARG A 164 21.39 -3.71 -0.01
C ARG A 164 20.22 -3.95 -0.95
N THR A 165 19.89 -2.95 -1.75
CA THR A 165 18.77 -3.04 -2.65
C THR A 165 19.22 -2.82 -4.09
N VAL A 166 18.35 -3.14 -5.02
CA VAL A 166 18.59 -2.94 -6.42
C VAL A 166 17.26 -2.59 -7.04
N ALA A 167 17.31 -1.70 -8.00
CA ALA A 167 16.14 -1.29 -8.69
C ALA A 167 16.33 -1.47 -10.19
N HIS A 168 15.28 -1.95 -10.86
CA HIS A 168 15.33 -2.12 -12.33
C HIS A 168 13.94 -2.03 -12.92
N VAL A 169 13.85 -1.74 -14.22
CA VAL A 169 12.58 -1.67 -14.94
C VAL A 169 12.21 -3.01 -15.54
N VAL A 170 11.14 -3.67 -15.07
CA VAL A 170 10.75 -4.97 -15.67
C VAL A 170 9.72 -4.85 -16.81
N ALA A 171 9.27 -3.66 -17.17
CA ALA A 171 8.33 -3.46 -18.27
C ALA A 171 8.20 -2.02 -18.47
N LEU A 172 7.98 -1.60 -19.70
CA LEU A 172 7.83 -0.19 -20.00
C LEU A 172 7.05 -0.09 -21.27
N GLY A 173 5.98 0.68 -21.27
CA GLY A 173 5.19 0.84 -22.49
C GLY A 173 4.64 -0.44 -23.13
N GLY A 174 4.35 -1.45 -22.30
CA GLY A 174 3.80 -2.71 -22.79
C GLY A 174 4.84 -3.77 -23.10
N VAL A 175 6.09 -3.36 -23.25
CA VAL A 175 7.15 -4.28 -23.57
C VAL A 175 7.73 -4.93 -22.33
N GLN A 176 7.42 -6.21 -22.07
CA GLN A 176 8.04 -6.86 -20.90
C GLN A 176 9.49 -7.30 -21.10
N THR A 177 10.21 -7.44 -20.00
CA THR A 177 11.54 -8.01 -20.02
C THR A 177 11.30 -9.51 -19.83
N ASN A 178 12.37 -10.30 -19.92
CA ASN A 178 12.25 -11.76 -19.79
C ASN A 178 12.38 -12.16 -18.32
N PRO A 179 11.36 -12.83 -17.79
CA PRO A 179 11.45 -13.18 -16.36
C PRO A 179 12.44 -14.30 -16.02
N ASP A 180 12.76 -15.15 -16.97
CA ASP A 180 13.68 -16.28 -16.74
C ASP A 180 15.09 -15.81 -16.39
N LEU A 181 15.52 -14.72 -17.01
CA LEU A 181 16.86 -14.17 -16.79
C LEU A 181 17.09 -14.08 -15.30
N PRO A 182 18.36 -14.21 -14.84
CA PRO A 182 18.58 -14.14 -13.39
C PRO A 182 18.31 -12.76 -12.83
N LEU A 183 17.81 -12.71 -11.61
CA LEU A 183 17.54 -11.44 -10.96
C LEU A 183 18.81 -10.57 -10.88
N PRO A 184 18.69 -9.26 -11.05
CA PRO A 184 19.85 -8.39 -10.86
C PRO A 184 20.24 -8.38 -9.36
N THR A 185 21.54 -8.23 -9.11
CA THR A 185 22.07 -8.21 -7.74
CA THR A 185 22.09 -8.21 -7.75
C THR A 185 22.69 -6.85 -7.49
N PRO A 186 23.09 -6.58 -6.23
CA PRO A 186 23.69 -5.24 -6.05
C PRO A 186 24.95 -5.02 -6.83
N ASP A 187 25.66 -6.08 -7.20
CA ASP A 187 26.90 -5.94 -7.97
C ASP A 187 26.63 -5.52 -9.42
N ASP A 188 25.35 -5.52 -9.82
CA ASP A 188 24.96 -5.17 -11.19
C ASP A 188 24.59 -3.72 -11.36
N LEU A 189 24.96 -2.89 -10.37
CA LEU A 189 24.57 -1.48 -10.30
C LEU A 189 25.12 -0.64 -11.43
N GLU A 190 26.42 -0.77 -11.62
CA GLU A 190 27.11 0.00 -12.63
C GLU A 190 26.52 -0.30 -14.02
N ALA A 191 26.21 -1.57 -14.27
CA ALA A 191 25.61 -1.97 -15.54
C ALA A 191 24.17 -1.40 -15.63
N LEU A 192 23.40 -1.51 -14.54
CA LEU A 192 22.04 -0.95 -14.52
C LEU A 192 22.03 0.56 -14.80
N ASP A 193 23.00 1.28 -14.21
CA ASP A 193 23.12 2.73 -14.47
C ASP A 193 23.47 2.98 -15.96
N ALA A 194 24.32 2.12 -16.53
CA ALA A 194 24.75 2.26 -17.93
C ALA A 194 23.59 2.03 -18.94
N SER A 195 22.61 1.23 -18.56
CA SER A 195 21.50 0.93 -19.45
C SER A 195 20.49 2.06 -19.46
N PRO A 196 20.17 2.58 -20.66
CA PRO A 196 19.26 3.70 -20.89
C PRO A 196 17.86 3.50 -20.35
N VAL A 197 17.51 2.25 -20.12
CA VAL A 197 16.20 1.89 -19.66
C VAL A 197 16.30 1.05 -18.37
N ARG A 198 17.50 1.02 -17.83
CA ARG A 198 17.78 0.39 -16.55
C ARG A 198 17.35 -1.07 -16.46
N THR A 199 17.87 -1.90 -17.34
CA THR A 199 17.58 -3.36 -17.31
C THR A 199 18.82 -4.09 -17.77
N LEU A 200 18.92 -5.37 -17.47
CA LEU A 200 20.07 -6.18 -17.93
C LEU A 200 19.70 -7.00 -19.18
N ASP A 201 18.45 -6.88 -19.57
CA ASP A 201 17.90 -7.59 -20.71
C ASP A 201 18.21 -6.78 -21.94
N LYS A 202 19.40 -7.00 -22.51
CA LYS A 202 19.85 -6.30 -23.73
C LYS A 202 18.79 -6.37 -24.82
N GLU A 203 18.25 -7.57 -25.00
CA GLU A 203 17.21 -7.83 -25.97
C GLU A 203 16.04 -6.85 -25.71
N ALA A 204 15.49 -6.90 -24.50
CA ALA A 204 14.35 -6.06 -24.13
C ALA A 204 14.68 -4.58 -24.20
N GLU A 205 15.88 -4.20 -23.80
CA GLU A 205 16.26 -2.79 -23.82
C GLU A 205 16.08 -2.19 -25.22
N VAL A 206 16.46 -2.95 -26.26
CA VAL A 206 16.31 -2.46 -27.63
C VAL A 206 14.82 -2.34 -28.04
N ARG A 207 13.97 -3.28 -27.63
CA ARG A 207 12.55 -3.20 -27.98
C ARG A 207 11.89 -2.02 -27.25
N ILE A 208 12.30 -1.80 -26.00
CA ILE A 208 11.73 -0.72 -25.23
C ILE A 208 12.14 0.59 -25.91
N ILE A 209 13.42 0.71 -26.29
CA ILE A 209 13.86 1.92 -26.95
C ILE A 209 13.08 2.12 -28.22
N GLU A 210 12.82 1.02 -28.90
CA GLU A 210 12.06 1.07 -30.13
C GLU A 210 10.68 1.61 -29.75
N ARG A 211 10.09 1.00 -28.73
CA ARG A 211 8.76 1.39 -28.27
C ARG A 211 8.70 2.86 -27.85
N ILE A 212 9.75 3.39 -27.19
CA ILE A 212 9.72 4.81 -26.77
C ILE A 212 9.69 5.67 -28.02
N ASN A 213 10.62 5.39 -28.94
CA ASN A 213 10.74 6.09 -30.23
C ASN A 213 9.45 6.19 -31.05
N GLU A 214 8.57 5.18 -31.02
CA GLU A 214 7.31 5.24 -31.80
C GLU A 214 6.19 6.02 -31.11
N ALA A 215 6.41 6.43 -29.86
CA ALA A 215 5.44 7.23 -29.13
C ALA A 215 5.41 8.67 -29.68
N ALA A 218 4.69 11.46 -26.77
CA ALA A 218 5.65 12.12 -25.87
C ALA A 218 6.17 11.13 -24.79
N ALA A 219 7.48 10.84 -24.85
CA ALA A 219 8.15 9.83 -24.00
C ALA A 219 7.72 9.65 -22.51
N ASP A 220 7.73 10.74 -21.75
CA ASP A 220 7.37 10.69 -20.33
C ASP A 220 5.90 10.30 -20.02
N THR A 221 5.11 10.06 -21.08
CA THR A 221 3.70 9.67 -20.92
C THR A 221 3.56 8.14 -20.77
N LEU A 222 4.57 7.41 -21.24
CA LEU A 222 4.56 5.96 -21.17
C LEU A 222 4.77 5.50 -19.75
N GLY A 223 4.10 4.42 -19.41
CA GLY A 223 4.19 3.89 -18.08
C GLY A 223 5.03 2.67 -18.09
N GLY A 224 4.92 1.91 -17.00
CA GLY A 224 5.66 0.68 -16.88
C GLY A 224 5.63 0.12 -15.49
N VAL A 225 6.41 -0.93 -15.32
CA VAL A 225 6.51 -1.64 -14.08
C VAL A 225 7.97 -1.61 -13.65
N ILE A 226 8.18 -1.37 -12.37
CA ILE A 226 9.49 -1.33 -11.79
C ILE A 226 9.61 -2.36 -10.70
N GLU A 227 10.83 -2.75 -10.41
CA GLU A 227 11.03 -3.72 -9.36
C GLU A 227 12.15 -3.29 -8.46
N VAL A 228 11.95 -3.43 -7.16
CA VAL A 228 12.96 -3.14 -6.18
C VAL A 228 13.20 -4.44 -5.42
N LEU A 229 14.47 -4.84 -5.27
CA LEU A 229 14.81 -6.06 -4.58
C LEU A 229 15.68 -5.75 -3.40
N ALA A 230 15.46 -6.43 -2.29
CA ALA A 230 16.27 -6.19 -1.12
C ALA A 230 16.95 -7.47 -0.64
N TYR A 231 18.27 -7.45 -0.64
CA TYR A 231 19.07 -8.59 -0.24
C TYR A 231 19.55 -8.44 1.17
N GLY A 232 19.58 -9.57 1.87
CA GLY A 232 20.11 -9.66 3.22
C GLY A 232 19.19 -9.30 4.37
N VAL A 233 17.91 -9.16 4.11
CA VAL A 233 17.02 -8.77 5.17
C VAL A 233 16.82 -10.01 6.04
N PRO A 234 17.08 -9.90 7.36
CA PRO A 234 16.83 -11.04 8.20
C PRO A 234 15.35 -11.25 8.44
N ALA A 235 15.02 -12.48 8.79
CA ALA A 235 13.68 -12.89 9.11
C ALA A 235 13.20 -12.22 10.38
N GLY A 236 11.88 -12.03 10.48
CA GLY A 236 11.26 -11.49 11.68
C GLY A 236 11.00 -10.01 11.80
N ILE A 237 11.12 -9.28 10.70
CA ILE A 237 10.86 -7.84 10.68
C ILE A 237 9.42 -7.67 10.12
N GLY A 238 8.58 -6.97 10.87
CA GLY A 238 7.15 -6.77 10.52
C GLY A 238 6.34 -7.40 11.62
N THR A 239 5.10 -7.79 11.36
CA THR A 239 4.28 -8.41 12.42
C THR A 239 3.23 -9.39 11.90
N TYR A 240 2.80 -10.29 12.77
CA TYR A 240 1.78 -11.30 12.40
C TYR A 240 0.42 -10.65 12.37
N VAL A 241 0.22 -9.65 13.24
CA VAL A 241 -1.06 -8.98 13.36
C VAL A 241 -1.46 -8.46 12.00
N GLU A 242 -2.70 -8.70 11.60
CA GLU A 242 -3.19 -8.23 10.34
C GLU A 242 -3.57 -6.76 10.45
N SER A 243 -2.65 -5.90 10.05
CA SER A 243 -2.87 -4.48 10.13
C SER A 243 -1.86 -3.77 9.26
N ASP A 244 -1.88 -2.44 9.36
CA ASP A 244 -1.00 -1.51 8.64
C ASP A 244 0.45 -1.68 9.00
N ARG A 245 0.70 -2.25 10.18
CA ARG A 245 2.07 -2.41 10.64
C ARG A 245 2.83 -3.59 9.99
N ARG A 246 2.16 -4.35 9.12
CA ARG A 246 2.87 -5.41 8.44
C ARG A 246 3.85 -4.77 7.49
N LEU A 247 4.97 -5.47 7.27
CA LEU A 247 6.02 -4.97 6.44
C LEU A 247 5.56 -4.83 5.00
N ASP A 248 4.79 -5.81 4.51
CA ASP A 248 4.26 -5.73 3.15
C ASP A 248 3.25 -4.59 3.02
N ALA A 249 2.47 -4.34 4.06
CA ALA A 249 1.51 -3.23 4.00
C ALA A 249 2.26 -1.88 3.91
N ALA A 250 3.31 -1.73 4.72
CA ALA A 250 4.05 -0.45 4.76
C ALA A 250 4.77 -0.20 3.44
N LEU A 251 5.31 -1.25 2.83
CA LEU A 251 5.96 -1.10 1.54
C LEU A 251 4.92 -0.74 0.47
N ALA A 252 3.71 -1.33 0.55
CA ALA A 252 2.67 -1.04 -0.45
C ALA A 252 2.33 0.44 -0.39
N SER A 253 2.26 0.92 0.82
CA SER A 253 1.97 2.29 1.09
C SER A 253 3.14 3.20 0.60
N ALA A 254 4.35 2.82 0.95
CA ALA A 254 5.51 3.58 0.51
C ALA A 254 5.51 3.79 -1.02
N ILE A 255 5.19 2.76 -1.79
CA ILE A 255 5.19 2.86 -3.26
C ILE A 255 3.99 3.60 -3.84
N MET A 256 2.84 3.23 -3.34
CA MET A 256 1.60 3.74 -3.83
C MET A 256 1.52 5.25 -3.53
N GLY A 257 2.24 5.72 -2.52
CA GLY A 257 2.26 7.15 -2.22
C GLY A 257 3.11 7.99 -3.17
N ILE A 258 3.85 7.33 -4.09
CA ILE A 258 4.66 8.04 -5.08
C ILE A 258 3.76 8.35 -6.27
N GLN A 259 3.82 9.58 -6.74
CA GLN A 259 2.96 10.04 -7.84
C GLN A 259 3.09 9.15 -9.07
N ALA A 260 1.92 8.78 -9.63
CA ALA A 260 1.83 8.00 -10.88
C ALA A 260 1.69 6.49 -10.63
N PHE A 261 2.11 6.02 -9.47
CA PHE A 261 1.96 4.63 -9.12
C PHE A 261 0.50 4.25 -8.92
N LYS A 262 0.07 3.18 -9.58
CA LYS A 262 -1.30 2.68 -9.50
C LYS A 262 -1.31 1.25 -9.00
N GLY A 263 -0.16 0.62 -8.84
CA GLY A 263 -0.17 -0.75 -8.41
C GLY A 263 1.04 -1.18 -7.67
N VAL A 264 0.87 -2.16 -6.79
CA VAL A 264 1.99 -2.70 -6.06
C VAL A 264 1.78 -4.17 -5.73
N GLU A 265 2.83 -4.94 -5.93
CA GLU A 265 2.87 -6.38 -5.64
C GLU A 265 4.07 -6.75 -4.78
N ILE A 266 3.90 -7.76 -3.93
CA ILE A 266 4.99 -8.36 -3.20
C ILE A 266 5.16 -9.71 -3.83
N GLY A 267 6.35 -9.99 -4.34
CA GLY A 267 6.61 -11.23 -5.09
C GLY A 267 5.95 -11.07 -6.47
N ASP A 268 5.44 -12.16 -7.03
CA ASP A 268 4.69 -12.10 -8.31
C ASP A 268 3.16 -12.12 -8.12
N GLY A 269 2.74 -11.59 -6.95
CA GLY A 269 1.34 -11.48 -6.50
C GLY A 269 0.19 -11.67 -7.47
N PHE A 270 -0.11 -10.67 -8.29
CA PHE A 270 -1.21 -10.80 -9.26
C PHE A 270 -1.10 -12.02 -10.16
N LEU A 271 0.11 -12.57 -10.34
CA LEU A 271 0.29 -13.76 -11.17
C LEU A 271 0.51 -15.01 -10.28
N ALA A 272 0.99 -14.80 -9.06
CA ALA A 272 1.28 -15.90 -8.11
C ALA A 272 0.16 -16.06 -7.08
N ARG A 298 8.40 -17.31 -4.11
CA ARG A 298 7.32 -16.51 -4.67
C ARG A 298 6.69 -15.55 -3.66
N ALA A 299 6.80 -15.83 -2.37
CA ALA A 299 6.24 -14.93 -1.35
C ALA A 299 6.73 -13.49 -1.56
N GLY A 300 7.90 -13.38 -2.18
CA GLY A 300 8.59 -12.12 -2.44
C GLY A 300 9.29 -11.68 -1.16
N GLY A 301 9.57 -12.65 -0.30
CA GLY A 301 10.29 -12.46 0.94
C GLY A 301 9.52 -12.05 2.19
N ILE A 302 8.21 -11.91 2.07
CA ILE A 302 7.39 -11.49 3.22
C ILE A 302 6.18 -12.42 3.32
N GLU A 303 6.01 -13.10 4.44
CA GLU A 303 4.92 -14.06 4.63
C GLU A 303 4.27 -13.77 5.94
N GLY A 304 2.96 -13.73 5.97
CA GLY A 304 2.29 -13.50 7.24
C GLY A 304 2.60 -12.17 7.89
N GLY A 305 3.04 -11.19 7.09
CA GLY A 305 3.32 -9.85 7.57
C GLY A 305 4.77 -9.63 7.95
N MET A 306 5.60 -10.64 7.73
CA MET A 306 6.98 -10.55 8.19
C MET A 306 7.99 -11.08 7.19
N SER A 307 9.18 -10.49 7.20
CA SER A 307 10.29 -10.94 6.37
C SER A 307 10.65 -12.37 6.77
N ASN A 308 10.98 -13.20 5.77
CA ASN A 308 11.32 -14.62 6.01
C ASN A 308 12.78 -14.94 5.73
N GLY A 309 13.60 -13.94 5.41
CA GLY A 309 15.01 -14.20 5.11
C GLY A 309 15.40 -14.29 3.64
N GLN A 310 14.42 -14.53 2.78
CA GLN A 310 14.69 -14.55 1.36
C GLN A 310 14.83 -13.14 0.86
N VAL A 311 15.11 -13.02 -0.41
CA VAL A 311 15.14 -11.77 -1.08
C VAL A 311 13.75 -11.17 -1.06
N ILE A 312 13.64 -9.88 -0.72
CA ILE A 312 12.37 -9.18 -0.74
C ILE A 312 12.17 -8.55 -2.09
N ARG A 313 11.00 -8.74 -2.69
CA ARG A 313 10.71 -8.20 -4.02
C ARG A 313 9.45 -7.42 -4.06
N VAL A 314 9.59 -6.15 -4.44
CA VAL A 314 8.48 -5.23 -4.49
C VAL A 314 8.34 -4.71 -5.89
N ARG A 315 7.15 -4.85 -6.46
CA ARG A 315 6.90 -4.36 -7.79
C ARG A 315 5.86 -3.24 -7.79
N GLY A 316 6.01 -2.31 -8.69
CA GLY A 316 5.08 -1.18 -8.73
C GLY A 316 4.78 -0.82 -10.15
N ALA A 317 3.51 -0.52 -10.42
CA ALA A 317 3.05 -0.21 -11.76
C ALA A 317 2.77 1.25 -11.78
N MET A 318 3.27 1.91 -12.79
CA MET A 318 3.04 3.32 -12.84
C MET A 318 2.50 3.69 -14.21
N LYS A 319 1.71 4.75 -14.22
CA LYS A 319 1.17 5.25 -15.45
C LYS A 319 0.90 6.69 -15.24
N PRO A 320 1.69 7.57 -15.87
CA PRO A 320 1.40 9.01 -15.73
C PRO A 320 0.10 9.39 -16.44
N SER A 346 17.11 14.50 -22.84
CA SER A 346 16.13 15.58 -22.99
C SER A 346 14.67 15.09 -22.83
N ASP A 347 14.00 14.71 -23.94
CA ASP A 347 12.60 14.20 -23.89
C ASP A 347 12.64 12.70 -23.55
N SER A 348 12.95 12.42 -22.28
CA SER A 348 13.13 11.06 -21.82
C SER A 348 11.88 10.43 -21.20
N THR A 349 11.97 9.12 -20.96
CA THR A 349 10.91 8.43 -20.28
C THR A 349 11.13 8.60 -18.78
N ALA A 350 10.02 8.61 -18.02
CA ALA A 350 10.06 8.80 -16.57
C ALA A 350 10.24 7.52 -15.78
N VAL A 351 10.05 6.36 -16.42
CA VAL A 351 10.03 5.07 -15.70
C VAL A 351 11.31 4.65 -15.01
N PRO A 352 12.46 4.80 -15.66
CA PRO A 352 13.69 4.41 -14.97
C PRO A 352 13.91 5.26 -13.71
N ALA A 353 13.63 6.56 -13.77
CA ALA A 353 13.76 7.41 -12.58
C ALA A 353 12.74 6.97 -11.49
N ALA A 354 11.51 6.64 -11.88
CA ALA A 354 10.52 6.17 -10.89
C ALA A 354 11.10 4.98 -10.09
N SER A 355 11.90 4.17 -10.73
CA SER A 355 12.45 3.00 -10.06
C SER A 355 13.46 3.42 -9.02
N VAL A 356 14.16 4.49 -9.31
CA VAL A 356 15.18 4.99 -8.40
C VAL A 356 14.49 5.61 -7.17
N VAL A 357 13.37 6.30 -7.39
CA VAL A 357 12.57 6.90 -6.30
C VAL A 357 11.89 5.80 -5.46
N ALA A 358 11.34 4.81 -6.14
CA ALA A 358 10.71 3.71 -5.42
C ALA A 358 11.76 3.06 -4.56
N GLU A 359 13.01 3.00 -5.06
CA GLU A 359 14.12 2.36 -4.28
C GLU A 359 14.37 3.18 -3.00
N ALA A 360 14.36 4.49 -3.17
CA ALA A 360 14.55 5.38 -2.06
C ALA A 360 13.50 5.09 -1.00
N MET A 361 12.23 4.98 -1.42
CA MET A 361 11.16 4.78 -0.39
C MET A 361 11.17 3.38 0.18
N VAL A 362 11.55 2.39 -0.59
CA VAL A 362 11.67 1.05 -0.03
C VAL A 362 12.76 1.02 0.98
N ARG A 363 13.88 1.67 0.71
CA ARG A 363 14.96 1.71 1.68
C ARG A 363 14.55 2.35 2.99
N LEU A 364 13.89 3.50 2.91
CA LEU A 364 13.45 4.21 4.13
C LEU A 364 12.53 3.31 4.97
N THR A 365 11.59 2.63 4.33
CA THR A 365 10.70 1.75 5.05
C THR A 365 11.47 0.58 5.68
N LEU A 366 12.36 0.02 4.92
CA LEU A 366 13.14 -1.07 5.47
C LEU A 366 14.00 -0.57 6.62
N ALA A 367 14.56 0.64 6.51
CA ALA A 367 15.38 1.19 7.59
C ALA A 367 14.50 1.35 8.82
N LYS A 368 13.32 1.87 8.64
CA LYS A 368 12.42 2.12 9.77
C LYS A 368 12.10 0.85 10.54
N TYR A 369 11.60 -0.15 9.82
CA TYR A 369 11.21 -1.39 10.42
C TYR A 369 12.38 -2.16 11.02
N ALA A 370 13.55 -2.11 10.38
CA ALA A 370 14.73 -2.82 10.93
C ALA A 370 15.18 -2.11 12.22
N LEU A 371 15.10 -0.79 12.22
CA LEU A 371 15.55 -0.04 13.38
C LEU A 371 14.64 -0.37 14.60
N ASP A 372 13.35 -0.45 14.32
CA ASP A 372 12.34 -0.81 15.31
C ASP A 372 12.60 -2.20 15.95
N LYS A 373 12.93 -3.20 15.13
CA LYS A 373 13.21 -4.54 15.65
C LYS A 373 14.60 -4.62 16.32
N PHE A 374 15.65 -4.14 15.67
CA PHE A 374 17.00 -4.32 16.26
C PHE A 374 17.59 -3.14 17.06
N GLY A 375 16.94 -1.99 17.00
CA GLY A 375 17.37 -0.83 17.78
C GLY A 375 18.87 -0.59 17.90
N GLY A 376 19.22 0.19 18.91
CA GLY A 376 20.59 0.54 19.17
C GLY A 376 20.75 2.04 18.98
N ASP A 377 21.64 2.59 19.80
CA ASP A 377 21.97 3.97 19.71
C ASP A 377 23.15 4.15 18.80
N SER A 378 23.77 3.06 18.33
CA SER A 378 24.86 3.20 17.40
C SER A 378 24.86 2.09 16.40
N VAL A 379 25.48 2.33 15.25
CA VAL A 379 25.60 1.30 14.22
C VAL A 379 26.20 0.03 14.87
N ALA A 380 27.28 0.21 15.65
CA ALA A 380 27.92 -0.91 16.37
C ALA A 380 26.93 -1.66 17.28
N GLU A 381 26.12 -0.94 18.07
CA GLU A 381 25.17 -1.58 18.99
C GLU A 381 24.06 -2.27 18.22
N THR A 382 23.56 -1.61 17.17
CA THR A 382 22.51 -2.19 16.32
C THR A 382 23.02 -3.53 15.70
N ARG A 383 24.25 -3.50 15.23
CA ARG A 383 24.91 -4.64 14.58
C ARG A 383 25.01 -5.85 15.52
N ARG A 384 25.33 -5.55 16.76
CA ARG A 384 25.45 -6.50 17.85
C ARG A 384 24.06 -7.08 18.22
N ASN A 385 23.00 -6.27 18.13
CA ASN A 385 21.64 -6.75 18.43
C ASN A 385 21.13 -7.74 17.39
N LEU A 386 21.57 -7.56 16.15
CA LEU A 386 21.18 -8.46 15.08
C LEU A 386 21.97 -9.75 15.31
N GLU A 387 23.27 -9.59 15.52
CA GLU A 387 24.17 -10.73 15.73
C GLU A 387 23.62 -11.57 16.89
N SER A 388 23.15 -10.86 17.91
CA SER A 388 22.53 -11.48 19.06
C SER A 388 21.22 -12.21 18.72
N TYR A 389 20.31 -11.53 18.01
CA TYR A 389 19.02 -12.12 17.59
C TYR A 389 19.15 -13.41 16.78
N LEU A 390 20.12 -13.42 15.86
CA LEU A 390 20.41 -14.58 14.99
C LEU A 390 21.05 -15.76 15.76
N ALA A 391 21.54 -15.51 16.97
CA ALA A 391 22.07 -16.60 17.82
C ALA A 391 20.87 -17.20 18.58
N SER A 392 19.71 -16.56 18.40
CA SER A 392 18.43 -16.97 18.98
C SER A 392 18.41 -16.69 20.47
N MET B 4 -10.06 11.59 15.19
N MET B 4 -9.34 11.42 15.29
CA MET B 4 -9.55 10.59 14.20
CA MET B 4 -9.43 10.57 14.06
C MET B 4 -10.28 9.28 14.44
C MET B 4 -10.13 9.24 14.36
N LEU B 5 -10.88 8.73 13.38
CA LEU B 5 -11.57 7.42 13.51
C LEU B 5 -10.47 6.39 13.78
N ARG B 6 -10.65 5.62 14.83
CA ARG B 6 -9.64 4.68 15.33
C ARG B 6 -10.35 3.42 15.81
N TRP B 7 -9.83 2.25 15.48
CA TRP B 7 -10.49 1.01 15.89
C TRP B 7 -9.48 -0.03 16.34
N GLN B 8 -9.95 -0.93 17.18
CA GLN B 8 -9.14 -1.98 17.72
C GLN B 8 -10.01 -3.23 17.80
N THR B 9 -9.40 -4.39 17.62
CA THR B 9 -10.11 -5.65 17.72
C THR B 9 -9.38 -6.56 18.71
N ALA B 10 -10.09 -7.55 19.24
CA ALA B 10 -9.51 -8.41 20.26
C ALA B 10 -10.23 -9.70 20.24
N GLY B 11 -9.65 -10.74 20.81
CA GLY B 11 -10.34 -12.02 20.91
C GLY B 11 -9.65 -13.19 20.27
N GLU B 12 -9.64 -14.33 20.95
CA GLU B 12 -8.95 -15.53 20.45
C GLU B 12 -9.86 -16.44 19.66
N SER B 13 -9.25 -17.12 18.70
CA SER B 13 -9.97 -18.06 17.83
C SER B 13 -10.91 -18.95 18.68
N HIS B 14 -10.46 -19.40 19.86
CA HIS B 14 -11.26 -20.27 20.75
C HIS B 14 -11.46 -19.71 22.14
N GLY B 15 -12.01 -18.50 22.26
CA GLY B 15 -12.29 -17.88 23.57
C GLY B 15 -13.78 -17.61 23.77
N GLU B 16 -14.14 -16.93 24.85
CA GLU B 16 -15.56 -16.63 25.10
C GLU B 16 -16.13 -15.52 24.19
N ALA B 17 -15.30 -14.56 23.80
CA ALA B 17 -15.79 -13.50 22.95
C ALA B 17 -14.71 -12.81 22.10
N LEU B 18 -15.20 -12.13 21.07
CA LEU B 18 -14.39 -11.28 20.23
C LEU B 18 -14.93 -9.88 20.55
N VAL B 19 -14.05 -8.90 20.64
CA VAL B 19 -14.43 -7.55 20.98
C VAL B 19 -13.89 -6.64 19.89
N ALA B 20 -14.71 -5.70 19.46
CA ALA B 20 -14.30 -4.71 18.49
C ALA B 20 -14.64 -3.37 19.11
N MET B 21 -13.81 -2.37 18.88
CA MET B 21 -14.09 -1.06 19.45
C MET B 21 -13.74 0.02 18.46
N ILE B 22 -14.63 0.97 18.28
CA ILE B 22 -14.33 2.02 17.37
C ILE B 22 -14.61 3.35 18.03
N GLU B 23 -13.71 4.31 17.85
CA GLU B 23 -13.83 5.64 18.41
C GLU B 23 -13.74 6.78 17.39
N GLY B 24 -14.46 7.89 17.68
CA GLY B 24 -14.43 9.09 16.83
C GLY B 24 -15.58 9.18 15.85
N LEU B 25 -16.56 8.33 16.03
CA LEU B 25 -17.69 8.31 15.15
C LEU B 25 -18.66 9.35 15.72
N PRO B 26 -19.33 10.11 14.86
CA PRO B 26 -20.22 11.11 15.40
C PRO B 26 -21.54 10.55 15.86
N ALA B 27 -22.23 11.36 16.68
CA ALA B 27 -23.56 11.04 17.19
C ALA B 27 -24.51 10.98 16.02
N GLY B 28 -25.56 10.18 16.12
CA GLY B 28 -26.59 10.19 15.10
C GLY B 28 -26.58 9.10 14.06
N VAL B 29 -25.61 8.18 14.12
CA VAL B 29 -25.58 7.10 13.18
C VAL B 29 -26.55 6.01 13.67
N ARG B 30 -27.48 5.62 12.81
CA ARG B 30 -28.42 4.51 13.09
C ARG B 30 -27.67 3.20 12.85
N ILE B 31 -27.49 2.41 13.91
CA ILE B 31 -26.82 1.14 13.81
C ILE B 31 -27.50 0.19 14.81
N SER B 32 -27.71 -1.06 14.41
CA SER B 32 -28.33 -2.06 15.30
C SER B 32 -27.51 -3.36 15.32
N THR B 33 -27.74 -4.17 16.34
CA THR B 33 -27.09 -5.45 16.43
C THR B 33 -27.55 -6.36 15.27
N ASP B 34 -28.78 -6.19 14.77
CA ASP B 34 -29.23 -7.02 13.66
C ASP B 34 -28.46 -6.67 12.40
N ASP B 35 -28.12 -5.40 12.24
CA ASP B 35 -27.27 -4.99 11.12
C ASP B 35 -25.93 -5.79 11.13
N ILE B 36 -25.33 -5.89 12.30
CA ILE B 36 -24.05 -6.55 12.43
C ILE B 36 -24.18 -8.07 12.23
N VAL B 37 -25.20 -8.69 12.84
CA VAL B 37 -25.44 -10.13 12.68
C VAL B 37 -25.53 -10.43 11.16
N SER B 38 -26.26 -9.58 10.46
CA SER B 38 -26.41 -9.69 9.02
C SER B 38 -25.08 -9.54 8.32
N ALA B 39 -24.30 -8.53 8.68
CA ALA B 39 -22.98 -8.38 8.06
C ALA B 39 -22.07 -9.59 8.34
N LEU B 40 -22.21 -10.23 9.51
CA LEU B 40 -21.37 -11.40 9.82
C LEU B 40 -21.78 -12.64 9.01
N ALA B 41 -23.10 -12.83 8.84
CA ALA B 41 -23.59 -13.95 8.00
C ALA B 41 -22.89 -13.89 6.60
N ARG B 42 -22.81 -12.69 6.03
CA ARG B 42 -22.21 -12.53 4.69
C ARG B 42 -20.78 -13.07 4.55
N ARG B 43 -20.08 -13.13 5.64
CA ARG B 43 -18.66 -13.59 5.71
C ARG B 43 -18.53 -15.09 5.63
N ARG B 44 -19.62 -15.78 5.92
CA ARG B 44 -19.70 -17.23 5.90
C ARG B 44 -19.95 -17.76 4.49
N LEU B 45 -20.55 -16.93 3.66
CA LEU B 45 -20.87 -17.29 2.30
C LEU B 45 -19.65 -17.67 1.44
N GLY B 46 -19.88 -18.57 0.49
CA GLY B 46 -18.84 -19.04 -0.45
C GLY B 46 -19.06 -20.48 -0.90
N TYR B 47 -18.63 -20.82 -2.10
CA TYR B 47 -18.78 -22.20 -2.60
C TYR B 47 -17.83 -23.15 -1.91
N GLN B 57 -24.66 -19.08 13.73
CA GLN B 57 -25.71 -18.39 14.47
C GLN B 57 -25.05 -17.33 15.39
N ASP B 58 -24.62 -16.23 14.78
CA ASP B 58 -23.88 -15.17 15.48
C ASP B 58 -24.70 -14.31 16.43
N LYS B 59 -24.16 -14.06 17.62
CA LYS B 59 -24.81 -13.22 18.62
C LYS B 59 -23.92 -11.98 18.92
N VAL B 60 -24.52 -10.79 18.79
CA VAL B 60 -23.82 -9.54 18.96
C VAL B 60 -24.50 -8.66 20.00
N ARG B 61 -23.69 -7.95 20.81
CA ARG B 61 -24.20 -6.94 21.76
C ARG B 61 -23.47 -5.64 21.50
N LEU B 62 -24.19 -4.54 21.53
CA LEU B 62 -23.58 -3.22 21.46
C LEU B 62 -23.45 -2.79 22.92
N LEU B 63 -22.26 -2.96 23.47
CA LEU B 63 -22.00 -2.68 24.89
C LEU B 63 -21.94 -1.24 25.32
N THR B 64 -21.52 -0.37 24.42
CA THR B 64 -21.30 1.04 24.72
C THR B 64 -21.54 1.87 23.46
N GLY B 65 -21.72 3.19 23.62
CA GLY B 65 -21.78 4.14 22.49
C GLY B 65 -23.05 4.25 21.67
N VAL B 66 -24.09 3.59 22.14
CA VAL B 66 -25.37 3.57 21.45
C VAL B 66 -26.56 3.60 22.41
N ARG B 67 -27.57 4.41 22.07
CA ARG B 67 -28.82 4.50 22.82
C ARG B 67 -29.94 4.89 21.83
N HIS B 68 -31.04 4.14 21.93
CA HIS B 68 -32.20 4.32 21.05
C HIS B 68 -31.80 4.10 19.63
N GLY B 69 -30.93 3.12 19.41
CA GLY B 69 -30.45 2.77 18.08
C GLY B 69 -29.53 3.78 17.38
N LEU B 70 -29.02 4.78 18.10
CA LEU B 70 -28.15 5.82 17.50
C LEU B 70 -26.80 5.93 18.23
N THR B 71 -25.73 6.22 17.50
CA THR B 71 -24.47 6.41 18.15
C THR B 71 -24.59 7.67 18.96
N LEU B 72 -23.81 7.77 20.03
CA LEU B 72 -23.81 8.91 20.93
C LEU B 72 -22.62 9.84 20.72
N GLY B 73 -21.59 9.37 20.05
CA GLY B 73 -20.40 10.20 19.87
C GLY B 73 -19.27 9.64 20.69
N SER B 74 -19.59 8.75 21.62
CA SER B 74 -18.57 8.11 22.46
C SER B 74 -18.08 6.83 21.78
N PRO B 75 -17.11 6.13 22.38
CA PRO B 75 -16.63 4.87 21.79
C PRO B 75 -17.69 3.77 21.75
N VAL B 76 -17.76 3.04 20.63
CA VAL B 76 -18.68 1.94 20.41
C VAL B 76 -17.93 0.65 20.54
N ALA B 77 -18.36 -0.21 21.45
CA ALA B 77 -17.72 -1.52 21.64
C ALA B 77 -18.78 -2.59 21.32
N ILE B 78 -18.32 -3.64 20.66
CA ILE B 78 -19.14 -4.71 20.20
C ILE B 78 -18.61 -6.03 20.71
N GLU B 79 -19.48 -6.86 21.27
CA GLU B 79 -19.08 -8.18 21.73
C GLU B 79 -19.74 -9.16 20.74
N ILE B 80 -18.96 -10.11 20.25
CA ILE B 80 -19.41 -11.14 19.31
C ILE B 80 -19.12 -12.48 19.97
N ALA B 81 -20.15 -13.28 20.20
CA ALA B 81 -19.99 -14.57 20.89
C ALA B 81 -19.59 -15.68 19.94
N ASN B 82 -18.46 -16.34 20.25
CA ASN B 82 -17.93 -17.52 19.51
C ASN B 82 -17.30 -18.52 20.48
N ARG B 141 -7.07 -17.17 13.84
CA ARG B 141 -7.41 -16.10 12.89
C ARG B 141 -8.93 -15.91 12.82
N GLU B 142 -9.42 -14.66 12.84
CA GLU B 142 -10.88 -14.39 12.69
C GLU B 142 -11.09 -13.05 12.00
N THR B 143 -12.14 -12.99 11.19
CA THR B 143 -12.45 -11.81 10.46
C THR B 143 -13.74 -11.20 10.94
N ALA B 144 -14.41 -11.87 11.86
CA ALA B 144 -15.66 -11.41 12.39
C ALA B 144 -15.62 -9.97 12.89
N SER B 145 -14.62 -9.63 13.68
CA SER B 145 -14.58 -8.33 14.31
C SER B 145 -14.32 -7.21 13.32
N ARG B 146 -13.54 -7.50 12.29
CA ARG B 146 -13.33 -6.51 11.26
C ARG B 146 -14.59 -6.33 10.42
N VAL B 147 -15.29 -7.41 10.13
CA VAL B 147 -16.51 -7.29 9.35
C VAL B 147 -17.56 -6.55 10.15
N ALA B 148 -17.59 -6.77 11.45
CA ALA B 148 -18.51 -6.03 12.30
C ALA B 148 -18.18 -4.52 12.18
N LEU B 149 -16.91 -4.14 12.39
CA LEU B 149 -16.53 -2.71 12.27
C LEU B 149 -16.92 -2.16 10.87
N GLY B 150 -16.76 -2.95 9.83
CA GLY B 150 -17.12 -2.51 8.49
C GLY B 150 -18.57 -2.19 8.36
N GLU B 151 -19.41 -2.87 9.15
CA GLU B 151 -20.87 -2.66 9.11
C GLU B 151 -21.19 -1.33 9.73
N VAL B 152 -20.48 -0.99 10.78
CA VAL B 152 -20.71 0.28 11.42
C VAL B 152 -20.21 1.34 10.49
N ALA B 153 -19.05 1.10 9.88
CA ALA B 153 -18.49 2.05 8.90
C ALA B 153 -19.47 2.23 7.75
N LYS B 154 -20.09 1.13 7.31
CA LYS B 154 -21.06 1.19 6.21
C LYS B 154 -22.24 2.09 6.48
N GLN B 155 -22.77 1.98 7.70
CA GLN B 155 -23.92 2.75 8.09
C GLN B 155 -23.58 4.24 8.08
N PHE B 156 -22.47 4.57 8.71
CA PHE B 156 -21.99 5.92 8.79
C PHE B 156 -21.78 6.53 7.41
N LEU B 157 -21.10 5.81 6.52
CA LEU B 157 -20.78 6.33 5.18
C LEU B 157 -22.05 6.63 4.35
N ASP B 158 -23.05 5.77 4.47
CA ASP B 158 -24.27 5.93 3.73
C ASP B 158 -25.06 7.09 4.33
N GLN B 159 -25.30 7.04 5.62
CA GLN B 159 -26.11 8.05 6.29
C GLN B 159 -25.50 9.45 6.26
N ALA B 160 -24.18 9.56 6.39
CA ALA B 160 -23.49 10.86 6.36
C ALA B 160 -23.12 11.36 4.96
N PHE B 161 -22.86 10.45 4.04
CA PHE B 161 -22.36 10.86 2.72
C PHE B 161 -23.04 10.27 1.50
N GLY B 162 -23.90 9.26 1.65
CA GLY B 162 -24.46 8.56 0.48
C GLY B 162 -23.40 7.64 -0.15
N ILE B 163 -22.31 7.38 0.57
CA ILE B 163 -21.27 6.54 0.05
C ILE B 163 -21.63 5.10 0.31
N ARG B 164 -21.58 4.27 -0.74
CA ARG B 164 -21.90 2.84 -0.61
C ARG B 164 -20.89 2.03 -1.39
N THR B 165 -20.56 0.86 -0.85
CA THR B 165 -19.58 -0.01 -1.48
C THR B 165 -20.17 -1.32 -1.98
N VAL B 166 -19.41 -1.94 -2.86
CA VAL B 166 -19.71 -3.21 -3.49
C VAL B 166 -18.41 -4.04 -3.49
N ALA B 167 -18.51 -5.34 -3.32
CA ALA B 167 -17.36 -6.22 -3.38
C ALA B 167 -17.72 -7.44 -4.21
N HIS B 168 -16.78 -7.90 -5.05
CA HIS B 168 -17.00 -9.07 -5.88
C HIS B 168 -15.67 -9.70 -6.30
N VAL B 169 -15.73 -10.93 -6.84
CA VAL B 169 -14.55 -11.66 -7.26
C VAL B 169 -14.43 -11.51 -8.75
N VAL B 170 -13.27 -11.03 -9.23
CA VAL B 170 -13.06 -10.76 -10.66
C VAL B 170 -12.13 -11.77 -11.29
N ALA B 171 -11.57 -12.67 -10.50
CA ALA B 171 -10.74 -13.78 -10.95
C ALA B 171 -10.56 -14.76 -9.80
N LEU B 172 -10.57 -16.06 -10.10
CA LEU B 172 -10.42 -17.10 -9.09
C LEU B 172 -9.78 -18.32 -9.77
N GLY B 173 -8.65 -18.79 -9.23
CA GLY B 173 -7.95 -19.95 -9.77
C GLY B 173 -7.49 -19.78 -11.19
N GLY B 174 -7.26 -18.56 -11.63
CA GLY B 174 -6.79 -18.32 -12.99
C GLY B 174 -7.89 -18.01 -13.98
N VAL B 175 -9.15 -18.24 -13.60
CA VAL B 175 -10.24 -17.92 -14.50
C VAL B 175 -10.67 -16.49 -14.31
N GLN B 176 -10.64 -15.69 -15.38
CA GLN B 176 -11.05 -14.30 -15.34
C GLN B 176 -12.51 -14.11 -15.64
N THR B 177 -13.12 -13.08 -15.02
CA THR B 177 -14.46 -12.65 -15.34
C THR B 177 -14.30 -11.78 -16.57
N ASN B 178 -15.43 -11.51 -17.23
CA ASN B 178 -15.46 -10.68 -18.43
C ASN B 178 -15.39 -9.19 -18.05
N PRO B 179 -14.32 -8.48 -18.48
CA PRO B 179 -14.25 -7.07 -18.10
C PRO B 179 -15.19 -6.15 -18.91
N ASP B 180 -15.75 -6.63 -20.01
CA ASP B 180 -16.67 -5.80 -20.81
C ASP B 180 -18.05 -5.65 -20.15
N LEU B 181 -18.34 -6.54 -19.21
CA LEU B 181 -19.64 -6.51 -18.51
C LEU B 181 -19.84 -5.30 -17.58
N PRO B 182 -21.12 -4.94 -17.36
CA PRO B 182 -21.42 -3.82 -16.47
C PRO B 182 -20.80 -3.99 -15.07
N LEU B 183 -20.22 -2.94 -14.51
CA LEU B 183 -19.73 -3.03 -13.14
C LEU B 183 -20.92 -3.23 -12.17
N PRO B 184 -20.72 -4.03 -11.11
CA PRO B 184 -21.75 -4.17 -10.11
C PRO B 184 -21.93 -2.86 -9.40
N THR B 185 -23.11 -2.69 -8.81
CA THR B 185 -23.48 -1.49 -8.07
C THR B 185 -24.07 -1.95 -6.74
N PRO B 186 -24.38 -0.98 -5.84
CA PRO B 186 -24.94 -1.36 -4.56
C PRO B 186 -26.29 -2.04 -4.70
N ASP B 187 -27.02 -1.77 -5.77
CA ASP B 187 -28.31 -2.43 -5.96
C ASP B 187 -28.10 -3.89 -6.28
N ASP B 188 -26.89 -4.30 -6.69
CA ASP B 188 -26.66 -5.71 -7.03
C ASP B 188 -26.32 -6.60 -5.83
N LEU B 189 -26.46 -6.06 -4.63
CA LEU B 189 -26.09 -6.79 -3.42
C LEU B 189 -26.78 -8.13 -3.26
N GLU B 190 -28.08 -8.21 -3.55
CA GLU B 190 -28.74 -9.50 -3.34
C GLU B 190 -28.17 -10.54 -4.30
N ALA B 191 -27.99 -10.15 -5.56
CA ALA B 191 -27.47 -11.08 -6.57
C ALA B 191 -26.06 -11.51 -6.20
N LEU B 192 -25.22 -10.59 -5.73
CA LEU B 192 -23.87 -10.98 -5.34
C LEU B 192 -23.86 -11.92 -4.13
N ASP B 193 -24.68 -11.65 -3.12
CA ASP B 193 -24.73 -12.58 -1.96
C ASP B 193 -25.19 -13.97 -2.45
N ALA B 194 -26.10 -13.99 -3.41
CA ALA B 194 -26.66 -15.25 -3.92
C ALA B 194 -25.66 -16.04 -4.74
N SER B 195 -24.68 -15.36 -5.36
CA SER B 195 -23.71 -16.07 -6.19
C SER B 195 -22.73 -16.73 -5.26
N PRO B 196 -22.52 -18.02 -5.46
CA PRO B 196 -21.59 -18.79 -4.63
C PRO B 196 -20.16 -18.30 -4.70
N VAL B 197 -19.78 -17.69 -5.81
CA VAL B 197 -18.42 -17.10 -5.91
C VAL B 197 -18.43 -15.54 -6.06
N ARG B 198 -19.52 -14.92 -5.68
CA ARG B 198 -19.67 -13.48 -5.66
C ARG B 198 -19.36 -12.73 -6.99
N THR B 199 -20.10 -13.10 -8.05
CA THR B 199 -19.97 -12.45 -9.33
C THR B 199 -21.31 -12.43 -10.04
N LEU B 200 -21.49 -11.42 -10.88
CA LEU B 200 -22.70 -11.31 -11.70
C LEU B 200 -22.47 -11.98 -13.07
N ASP B 201 -21.20 -12.24 -13.40
CA ASP B 201 -20.82 -12.88 -14.66
C ASP B 201 -21.17 -14.35 -14.55
N LYS B 202 -22.35 -14.70 -15.04
CA LYS B 202 -22.82 -16.08 -14.88
C LYS B 202 -21.96 -17.08 -15.64
N GLU B 203 -21.44 -16.68 -16.79
CA GLU B 203 -20.54 -17.53 -17.56
C GLU B 203 -19.23 -17.78 -16.81
N ALA B 204 -18.68 -16.76 -16.20
CA ALA B 204 -17.45 -16.95 -15.46
C ALA B 204 -17.74 -17.81 -14.24
N GLU B 205 -18.89 -17.58 -13.62
CA GLU B 205 -19.17 -18.30 -12.38
C GLU B 205 -19.14 -19.83 -12.57
N VAL B 206 -19.81 -20.35 -13.60
CA VAL B 206 -19.81 -21.79 -13.79
C VAL B 206 -18.39 -22.28 -14.12
N ARG B 207 -17.59 -21.52 -14.87
CA ARG B 207 -16.20 -21.95 -15.14
C ARG B 207 -15.37 -21.94 -13.85
N ILE B 208 -15.60 -20.94 -12.98
CA ILE B 208 -14.91 -20.85 -11.69
C ILE B 208 -15.33 -22.07 -10.84
N ILE B 209 -16.60 -22.38 -10.80
CA ILE B 209 -17.04 -23.53 -10.04
C ILE B 209 -16.43 -24.81 -10.55
N GLU B 210 -16.36 -24.96 -11.85
CA GLU B 210 -15.73 -26.17 -12.38
C GLU B 210 -14.32 -26.25 -11.80
N ARG B 211 -13.56 -25.20 -12.01
CA ARG B 211 -12.20 -25.09 -11.54
C ARG B 211 -12.05 -25.37 -10.05
N ILE B 212 -13.00 -24.93 -9.23
CA ILE B 212 -12.88 -25.19 -7.81
C ILE B 212 -13.00 -26.69 -7.61
N ASN B 213 -13.97 -27.29 -8.28
CA ASN B 213 -14.19 -28.73 -8.15
C ASN B 213 -13.00 -29.61 -8.64
N GLU B 214 -12.22 -29.14 -9.61
CA GLU B 214 -11.04 -29.89 -10.06
C GLU B 214 -9.90 -29.85 -9.05
N ALA B 215 -9.83 -28.81 -8.24
CA ALA B 215 -8.77 -28.69 -7.21
C ALA B 215 -8.82 -29.81 -6.15
N ALA B 218 -6.99 -29.06 -2.66
CA ALA B 218 -7.97 -28.58 -1.68
C ALA B 218 -8.49 -27.16 -2.03
N ALA B 219 -9.78 -26.91 -1.76
CA ALA B 219 -10.49 -25.66 -2.11
C ALA B 219 -9.90 -24.31 -1.60
N ASP B 220 -9.64 -24.21 -0.30
CA ASP B 220 -9.11 -22.95 0.31
C ASP B 220 -7.72 -22.47 -0.14
N THR B 221 -6.98 -23.29 -0.89
CA THR B 221 -5.62 -22.96 -1.36
C THR B 221 -5.59 -22.15 -2.69
N LEU B 222 -6.68 -22.20 -3.47
CA LEU B 222 -6.78 -21.42 -4.74
C LEU B 222 -6.74 -19.90 -4.52
N GLY B 223 -6.06 -19.22 -5.43
CA GLY B 223 -5.94 -17.79 -5.36
C GLY B 223 -7.06 -17.12 -6.12
N GLY B 224 -6.99 -15.79 -6.11
CA GLY B 224 -7.93 -14.97 -6.80
C GLY B 224 -7.61 -13.50 -6.70
N VAL B 225 -8.42 -12.73 -7.44
CA VAL B 225 -8.39 -11.30 -7.43
C VAL B 225 -9.81 -10.82 -7.05
N ILE B 226 -9.89 -9.89 -6.09
CA ILE B 226 -11.15 -9.32 -5.62
C ILE B 226 -11.19 -7.84 -5.93
N GLU B 227 -12.39 -7.27 -5.93
CA GLU B 227 -12.53 -5.86 -6.23
C GLU B 227 -13.54 -5.23 -5.34
N VAL B 228 -13.24 -4.01 -4.88
CA VAL B 228 -14.15 -3.28 -4.08
C VAL B 228 -14.36 -1.96 -4.77
N LEU B 229 -15.62 -1.59 -5.02
CA LEU B 229 -15.97 -0.32 -5.64
C LEU B 229 -16.64 0.54 -4.58
N ALA B 230 -16.38 1.84 -4.64
CA ALA B 230 -17.01 2.80 -3.71
C ALA B 230 -17.70 3.88 -4.53
N TYR B 231 -19.01 4.01 -4.31
CA TYR B 231 -19.84 4.97 -5.02
C TYR B 231 -20.21 6.12 -4.13
N GLY B 232 -20.39 7.28 -4.74
CA GLY B 232 -20.79 8.50 -4.05
C GLY B 232 -19.67 9.20 -3.31
N VAL B 233 -18.43 8.82 -3.54
CA VAL B 233 -17.35 9.49 -2.83
C VAL B 233 -17.16 10.85 -3.47
N PRO B 234 -17.19 11.89 -2.68
CA PRO B 234 -16.96 13.19 -3.26
C PRO B 234 -15.52 13.41 -3.61
N ALA B 235 -15.28 14.23 -4.64
CA ALA B 235 -13.91 14.59 -5.00
C ALA B 235 -13.27 15.31 -3.84
N GLY B 236 -11.95 15.16 -3.68
CA GLY B 236 -11.21 15.95 -2.68
C GLY B 236 -10.82 15.31 -1.36
N ILE B 237 -11.04 14.02 -1.23
CA ILE B 237 -10.64 13.30 -0.03
C ILE B 237 -9.28 12.73 -0.33
N GLY B 238 -8.33 13.00 0.57
CA GLY B 238 -6.92 12.56 0.43
C GLY B 238 -5.96 13.74 0.63
N THR B 239 -4.85 13.75 -0.12
CA THR B 239 -3.86 14.83 -0.11
C THR B 239 -3.07 14.79 -1.40
N TYR B 240 -2.59 15.95 -1.84
CA TYR B 240 -1.74 16.02 -3.04
C TYR B 240 -0.29 15.73 -2.68
N VAL B 241 0.03 15.77 -1.38
CA VAL B 241 1.40 15.53 -0.91
C VAL B 241 1.78 14.04 -1.15
N GLU B 242 3.00 13.82 -1.66
CA GLU B 242 3.45 12.49 -1.95
C GLU B 242 3.89 11.78 -0.67
N SER B 243 2.99 10.99 -0.10
CA SER B 243 3.27 10.24 1.11
C SER B 243 2.23 9.15 1.29
N ASP B 244 2.45 8.30 2.29
CA ASP B 244 1.51 7.23 2.61
C ASP B 244 0.18 7.78 3.15
N ARG B 245 0.09 9.11 3.25
CA ARG B 245 -1.16 9.71 3.71
C ARG B 245 -2.15 9.92 2.54
N ARG B 246 -1.72 9.67 1.31
CA ARG B 246 -2.62 9.74 0.19
C ARG B 246 -3.71 8.65 0.33
N LEU B 247 -4.86 8.86 -0.31
CA LEU B 247 -5.98 7.96 -0.20
C LEU B 247 -5.67 6.61 -0.82
N ASP B 248 -5.11 6.60 -2.03
CA ASP B 248 -4.69 5.35 -2.68
C ASP B 248 -3.63 4.66 -1.84
N ALA B 249 -2.75 5.42 -1.20
CA ALA B 249 -1.74 4.80 -0.30
C ALA B 249 -2.40 4.13 0.87
N ALA B 250 -3.38 4.80 1.48
CA ALA B 250 -4.01 4.25 2.71
C ALA B 250 -4.80 3.00 2.38
N LEU B 251 -5.49 3.03 1.24
CA LEU B 251 -6.28 1.88 0.78
C LEU B 251 -5.35 0.71 0.43
N ALA B 252 -4.25 1.01 -0.24
CA ALA B 252 -3.33 -0.07 -0.64
C ALA B 252 -2.85 -0.81 0.60
N SER B 253 -2.53 -0.02 1.62
CA SER B 253 -2.04 -0.55 2.90
C SER B 253 -3.12 -1.33 3.66
N ALA B 254 -4.36 -0.84 3.64
CA ALA B 254 -5.50 -1.54 4.32
C ALA B 254 -5.72 -2.98 3.73
N ILE B 255 -5.63 -3.10 2.41
CA ILE B 255 -5.81 -4.38 1.73
C ILE B 255 -4.66 -5.32 2.01
N MET B 256 -3.47 -4.87 1.67
CA MET B 256 -2.26 -5.68 1.79
C MET B 256 -2.06 -6.16 3.22
N GLY B 257 -2.60 -5.43 4.21
CA GLY B 257 -2.52 -5.86 5.61
C GLY B 257 -3.43 -7.08 5.93
N ILE B 258 -4.26 -7.50 4.96
CA ILE B 258 -5.14 -8.65 5.14
C ILE B 258 -4.34 -9.89 4.74
N GLN B 259 -4.43 -10.93 5.56
CA GLN B 259 -3.63 -12.12 5.32
C GLN B 259 -3.94 -12.72 3.96
N ALA B 260 -2.88 -13.09 3.25
CA ALA B 260 -2.99 -13.77 1.99
C ALA B 260 -2.89 -12.80 0.81
N PHE B 261 -3.18 -11.54 1.02
CA PHE B 261 -3.04 -10.57 -0.06
C PHE B 261 -1.58 -10.36 -0.39
N LYS B 262 -1.30 -10.25 -1.68
CA LYS B 262 0.04 -10.07 -2.21
C LYS B 262 0.11 -8.89 -3.19
N GLY B 263 -1.01 -8.27 -3.51
CA GLY B 263 -1.00 -7.16 -4.45
C GLY B 263 -2.25 -6.30 -4.41
N VAL B 264 -2.11 -5.03 -4.78
CA VAL B 264 -3.26 -4.12 -4.79
C VAL B 264 -3.10 -3.12 -5.90
N GLU B 265 -4.19 -2.74 -6.56
CA GLU B 265 -4.22 -1.81 -7.68
C GLU B 265 -5.38 -0.82 -7.51
N ILE B 266 -5.23 0.38 -8.07
CA ILE B 266 -6.31 1.36 -8.08
C ILE B 266 -6.66 1.48 -9.57
N GLY B 267 -7.84 1.02 -9.94
CA GLY B 267 -8.26 1.02 -11.35
C GLY B 267 -7.63 -0.13 -12.12
N ASP B 268 -7.28 0.12 -13.39
CA ASP B 268 -6.64 -0.91 -14.24
C ASP B 268 -5.25 -1.27 -13.75
N GLY B 269 -4.59 -0.31 -13.09
CA GLY B 269 -3.29 -0.53 -12.43
C GLY B 269 -2.11 -1.03 -13.26
N PHE B 270 -1.75 -2.31 -13.05
CA PHE B 270 -0.65 -2.95 -13.79
C PHE B 270 -1.03 -2.95 -15.26
N LEU B 271 -2.31 -3.28 -15.53
CA LEU B 271 -2.86 -3.29 -16.89
C LEU B 271 -2.57 -1.97 -17.66
N ALA B 272 -2.60 -0.83 -16.96
CA ALA B 272 -2.30 0.48 -17.58
C ALA B 272 -0.84 0.63 -18.03
N ARG B 298 -10.24 5.09 -15.77
CA ARG B 298 -9.02 4.28 -15.82
C ARG B 298 -8.23 4.43 -14.54
N ALA B 299 -8.30 5.65 -13.99
CA ALA B 299 -7.65 6.03 -12.75
C ALA B 299 -8.21 5.33 -11.48
N GLY B 300 -9.43 4.78 -11.58
CA GLY B 300 -10.06 4.07 -10.46
C GLY B 300 -10.51 4.98 -9.33
N GLY B 301 -10.79 6.25 -9.69
CA GLY B 301 -11.33 7.27 -8.79
C GLY B 301 -10.40 8.04 -7.86
N ILE B 302 -9.10 7.76 -7.93
CA ILE B 302 -8.12 8.47 -7.13
C ILE B 302 -7.02 8.95 -8.09
N GLU B 303 -6.75 10.24 -8.08
CA GLU B 303 -5.78 10.84 -8.98
C GLU B 303 -4.97 11.84 -8.14
N GLY B 304 -3.65 11.77 -8.23
CA GLY B 304 -2.77 12.63 -7.50
C GLY B 304 -2.96 12.60 -6.00
N GLY B 305 -3.25 11.40 -5.46
CA GLY B 305 -3.48 11.18 -4.02
C GLY B 305 -4.88 11.55 -3.51
N MET B 306 -5.73 12.08 -4.38
CA MET B 306 -7.10 12.51 -3.99
C MET B 306 -8.22 11.87 -4.76
N SER B 307 -9.32 11.61 -4.08
CA SER B 307 -10.51 11.13 -4.77
C SER B 307 -10.92 12.20 -5.81
N ASN B 308 -11.37 11.74 -6.99
CA ASN B 308 -11.78 12.65 -8.06
C ASN B 308 -13.32 12.74 -8.31
N GLY B 309 -14.13 12.01 -7.55
CA GLY B 309 -15.59 12.06 -7.71
C GLY B 309 -16.12 10.87 -8.47
N GLN B 310 -15.23 10.16 -9.13
CA GLN B 310 -15.57 8.95 -9.85
C GLN B 310 -15.73 7.81 -8.84
N VAL B 311 -16.14 6.66 -9.35
CA VAL B 311 -16.20 5.44 -8.60
C VAL B 311 -14.77 5.03 -8.22
N ILE B 312 -14.57 4.59 -6.98
CA ILE B 312 -13.24 4.13 -6.55
C ILE B 312 -13.27 2.64 -6.71
N ARG B 313 -12.26 2.14 -7.43
CA ARG B 313 -12.14 0.74 -7.83
C ARG B 313 -10.79 0.26 -7.27
N VAL B 314 -10.85 -0.61 -6.25
CA VAL B 314 -9.68 -1.16 -5.59
C VAL B 314 -9.66 -2.66 -5.82
N ARG B 315 -8.53 -3.18 -6.30
CA ARG B 315 -8.37 -4.59 -6.54
C ARG B 315 -7.29 -5.19 -5.69
N GLY B 316 -7.52 -6.41 -5.23
CA GLY B 316 -6.55 -7.08 -4.37
C GLY B 316 -6.28 -8.48 -4.83
N ALA B 317 -5.01 -8.82 -4.99
CA ALA B 317 -4.61 -10.13 -5.41
C ALA B 317 -4.32 -10.93 -4.18
N MET B 318 -4.79 -12.14 -4.21
CA MET B 318 -4.65 -12.97 -3.09
C MET B 318 -4.24 -14.36 -3.47
N LYS B 319 -3.40 -14.94 -2.63
CA LYS B 319 -2.93 -16.29 -2.78
C LYS B 319 -2.43 -16.78 -1.44
N PRO B 320 -3.16 -17.73 -0.82
CA PRO B 320 -2.74 -18.32 0.49
C PRO B 320 -1.53 -19.24 0.37
N SER B 348 -15.94 -24.05 0.20
CA SER B 348 -14.72 -24.16 0.99
C SER B 348 -13.66 -23.14 0.54
N THR B 349 -13.78 -22.62 -0.71
CA THR B 349 -12.86 -21.56 -1.22
C THR B 349 -12.90 -20.30 -0.33
N ALA B 350 -11.75 -19.64 -0.19
CA ALA B 350 -11.67 -18.43 0.65
C ALA B 350 -11.78 -17.09 -0.09
N VAL B 351 -11.79 -17.09 -1.41
CA VAL B 351 -11.77 -15.81 -2.16
C VAL B 351 -12.98 -14.89 -1.96
N PRO B 352 -14.20 -15.44 -1.95
CA PRO B 352 -15.36 -14.58 -1.71
C PRO B 352 -15.35 -13.96 -0.31
N ALA B 353 -15.05 -14.76 0.69
CA ALA B 353 -14.91 -14.20 2.04
C ALA B 353 -13.82 -13.07 2.06
N ALA B 354 -12.72 -13.26 1.35
CA ALA B 354 -11.68 -12.21 1.33
C ALA B 354 -12.22 -10.94 0.70
N SER B 355 -13.13 -11.06 -0.26
CA SER B 355 -13.66 -9.84 -0.89
C SER B 355 -14.47 -9.05 0.13
N VAL B 356 -15.19 -9.78 0.99
CA VAL B 356 -16.03 -9.17 2.01
C VAL B 356 -15.21 -8.53 3.12
N VAL B 357 -14.15 -9.20 3.54
CA VAL B 357 -13.27 -8.65 4.54
C VAL B 357 -12.57 -7.37 4.00
N ALA B 358 -12.17 -7.42 2.72
CA ALA B 358 -11.47 -6.28 2.10
C ALA B 358 -12.42 -5.07 2.00
N GLU B 359 -13.70 -5.37 1.79
CA GLU B 359 -14.71 -4.33 1.73
C GLU B 359 -14.79 -3.65 3.12
N ALA B 360 -14.77 -4.46 4.19
CA ALA B 360 -14.75 -3.90 5.56
C ALA B 360 -13.59 -2.89 5.78
N MET B 361 -12.39 -3.27 5.32
CA MET B 361 -11.21 -2.43 5.53
C MET B 361 -11.26 -1.20 4.63
N VAL B 362 -11.74 -1.35 3.41
CA VAL B 362 -11.95 -0.20 2.53
C VAL B 362 -12.97 0.73 3.16
N ARG B 363 -14.05 0.19 3.72
CA ARG B 363 -15.05 1.04 4.36
C ARG B 363 -14.44 1.82 5.49
N LEU B 364 -13.69 1.16 6.36
CA LEU B 364 -13.05 1.82 7.50
C LEU B 364 -12.08 2.95 7.06
N THR B 365 -11.26 2.70 6.05
CA THR B 365 -10.33 3.73 5.57
C THR B 365 -11.10 4.90 4.98
N LEU B 366 -12.11 4.59 4.17
CA LEU B 366 -12.97 5.63 3.59
C LEU B 366 -13.68 6.47 4.67
N ALA B 367 -14.14 5.79 5.72
CA ALA B 367 -14.82 6.48 6.80
C ALA B 367 -13.85 7.42 7.52
N LYS B 368 -12.64 6.94 7.71
CA LYS B 368 -11.66 7.69 8.41
C LYS B 368 -11.26 8.94 7.67
N TYR B 369 -11.04 8.81 6.37
CA TYR B 369 -10.61 9.94 5.56
C TYR B 369 -11.74 10.94 5.31
N ALA B 370 -12.97 10.44 5.20
CA ALA B 370 -14.12 11.32 4.92
C ALA B 370 -14.42 12.11 6.14
N LEU B 371 -14.34 11.48 7.30
CA LEU B 371 -14.60 12.16 8.56
C LEU B 371 -13.47 13.21 8.83
N ASP B 372 -12.22 12.90 8.47
CA ASP B 372 -11.17 13.85 8.70
C ASP B 372 -11.40 15.14 7.87
N LYS B 373 -11.85 14.95 6.63
CA LYS B 373 -12.08 16.05 5.71
C LYS B 373 -13.36 16.87 6.00
N PHE B 374 -14.46 16.23 6.41
CA PHE B 374 -15.75 16.90 6.65
C PHE B 374 -16.36 16.65 8.04
N GLY B 375 -15.59 16.04 8.91
CA GLY B 375 -16.13 15.63 10.18
C GLY B 375 -16.73 16.70 11.02
N GLY B 376 -17.90 16.37 11.58
CA GLY B 376 -18.63 17.19 12.53
C GLY B 376 -18.90 16.23 13.68
N ASP B 377 -19.59 16.72 14.71
CA ASP B 377 -19.88 15.91 15.89
C ASP B 377 -21.14 15.06 15.79
N SER B 378 -21.95 15.32 14.78
CA SER B 378 -23.15 14.54 14.60
C SER B 378 -23.29 14.27 13.12
N VAL B 379 -23.99 13.19 12.77
CA VAL B 379 -24.21 12.91 11.37
C VAL B 379 -24.81 14.14 10.70
N ALA B 380 -25.78 14.81 11.33
CA ALA B 380 -26.40 16.00 10.68
C ALA B 380 -25.41 17.12 10.38
N GLU B 381 -24.41 17.28 11.23
CA GLU B 381 -23.47 18.36 11.05
C GLU B 381 -22.52 17.96 9.92
N THR B 382 -22.18 16.68 9.91
CA THR B 382 -21.30 16.11 8.89
C THR B 382 -21.88 16.31 7.48
N ARG B 383 -23.16 16.02 7.25
CA ARG B 383 -23.78 16.24 5.91
C ARG B 383 -23.69 17.69 5.62
N ARG B 384 -24.02 18.49 6.62
CA ARG B 384 -24.05 19.94 6.47
C ARG B 384 -22.67 20.44 6.03
N ASN B 385 -21.60 19.85 6.56
CA ASN B 385 -20.26 20.25 6.12
C ASN B 385 -19.98 19.77 4.67
N LEU B 386 -20.54 18.61 4.30
CA LEU B 386 -20.40 18.15 2.92
C LEU B 386 -21.08 19.15 1.96
N GLU B 387 -22.31 19.57 2.26
CA GLU B 387 -23.07 20.49 1.37
C GLU B 387 -22.42 21.85 1.22
N SER B 388 -21.78 22.31 2.29
CA SER B 388 -21.04 23.55 2.30
C SER B 388 -19.88 23.49 1.30
N TYR B 389 -18.98 22.54 1.52
CA TYR B 389 -17.83 22.34 0.64
C TYR B 389 -18.25 22.12 -0.81
N LEU B 390 -19.27 21.32 -0.97
CA LEU B 390 -19.76 20.89 -2.28
C LEU B 390 -20.45 22.07 -3.01
N ALA B 391 -20.83 23.11 -2.25
CA ALA B 391 -21.46 24.29 -2.83
C ALA B 391 -20.42 25.41 -3.11
N SER B 392 -19.16 25.05 -3.27
CA SER B 392 -18.09 26.02 -3.54
C SER B 392 -16.92 25.39 -4.29
#